data_8ITH
#
_entry.id   8ITH
#
_cell.length_a   127.888
_cell.length_b   127.888
_cell.length_c   171.292
_cell.angle_alpha   90.000
_cell.angle_beta   90.000
_cell.angle_gamma   90.000
#
_symmetry.space_group_name_H-M   'I 4 2 2'
#
loop_
_entity.id
_entity.type
_entity.pdbx_description
1 polymer 'Poly-gamma-glutamate synthesis protein (Capsule biosynthesis protein)'
2 non-polymer GLYCEROL
3 non-polymer 'CALCIUM ION'
4 water water
#
_entity_poly.entity_id   1
_entity_poly.type   'polypeptide(L)'
_entity_poly.pdbx_seq_one_letter_code
;MTRLTVALSGDCMVTRGGLITSDPAAERLRDLLRGTDFAVTNLEVVPSDGRGHPVHNAVGGGCLIADSAVLDEVTAAGFS
VLGCANNHAMDLGTEGVLGTMDLLRARGIPYAGIGADLTGARRPVYADRPGGSLALLSCTATFLPGQEAADPSPELPGRP
GLNPLRHTATMQVTADQMDVLRTIDAETGLRARRAEARALLGVDPALLGPDRLALFGTRFRTADAPGFTTECDPRDLDEI
ARWVGEARLRADLVVVSVHSHEPGPTPETPGEFLRVFAHRMIDEGAHAVVGHGPNFLRGVELYRNKPIFYSLGNIVSQIE
LTDRVSAEDYAKVTAERPLTPGRYYDRLSGHGTRLFAPHRRYWQSLVPVLTFEDGTLTAARLHPVDLGFGRPVHRRGRPR
LADRAEAEKTLTDVAQLSQPYGTAIEVMDDGTGELALDVA
;
_entity_poly.pdbx_strand_id   A
#
loop_
_chem_comp.id
_chem_comp.type
_chem_comp.name
_chem_comp.formula
CA non-polymer 'CALCIUM ION' 'Ca 2'
GOL non-polymer GLYCEROL 'C3 H8 O3'
#
# COMPACT_ATOMS: atom_id res chain seq x y z
N MET A 1 26.14 -11.93 15.75
CA MET A 1 26.39 -10.85 16.69
C MET A 1 25.10 -10.10 17.01
N THR A 2 24.52 -9.44 16.01
CA THR A 2 23.25 -8.76 16.16
C THR A 2 22.13 -9.63 15.62
N ARG A 3 21.03 -9.72 16.37
CA ARG A 3 19.91 -10.58 16.02
C ARG A 3 18.63 -9.81 16.24
N LEU A 4 17.90 -9.54 15.16
CA LEU A 4 16.73 -8.67 15.19
C LEU A 4 15.55 -9.37 14.52
N THR A 5 14.35 -9.14 15.05
CA THR A 5 13.13 -9.69 14.50
C THR A 5 12.20 -8.56 14.06
N VAL A 6 11.57 -8.73 12.90
CA VAL A 6 10.69 -7.72 12.33
C VAL A 6 9.37 -8.39 11.94
N ALA A 7 8.26 -7.87 12.48
CA ALA A 7 6.94 -8.28 12.05
C ALA A 7 6.42 -7.32 10.99
N LEU A 8 5.78 -7.88 9.95
CA LEU A 8 5.26 -7.10 8.84
C LEU A 8 3.76 -7.32 8.72
N SER A 9 3.06 -6.30 8.22
CA SER A 9 1.62 -6.37 8.02
C SER A 9 1.21 -5.38 6.94
N GLY A 10 -0.03 -5.50 6.50
CA GLY A 10 -0.57 -4.73 5.40
C GLY A 10 -1.36 -3.52 5.84
N ASP A 11 -2.49 -3.29 5.17
CA ASP A 11 -3.31 -2.10 5.41
C ASP A 11 -3.94 -2.16 6.80
N CYS A 12 -3.68 -1.14 7.62
CA CYS A 12 -4.30 -0.99 8.93
C CYS A 12 -5.40 0.07 8.81
N MET A 13 -6.61 -0.38 8.48
CA MET A 13 -7.75 0.52 8.29
C MET A 13 -8.63 0.50 9.54
N VAL A 14 -8.12 1.10 10.60
CA VAL A 14 -8.77 1.09 11.90
C VAL A 14 -9.61 2.34 12.08
N THR A 15 -10.87 2.18 12.49
CA THR A 15 -11.76 3.29 12.78
C THR A 15 -12.52 3.14 14.09
N ARG A 16 -12.28 2.08 14.85
CA ARG A 16 -12.97 1.84 16.11
C ARG A 16 -11.96 1.40 17.16
N GLY A 17 -12.36 1.51 18.42
CA GLY A 17 -11.56 1.03 19.52
C GLY A 17 -11.74 -0.46 19.73
N GLY A 18 -11.09 -0.95 20.79
CA GLY A 18 -11.12 -2.38 21.05
C GLY A 18 -10.57 -3.19 19.90
N LEU A 19 -9.44 -2.75 19.32
CA LEU A 19 -8.87 -3.41 18.17
C LEU A 19 -8.55 -4.88 18.48
N ILE A 20 -7.93 -5.14 19.62
CA ILE A 20 -7.62 -6.48 20.08
C ILE A 20 -8.73 -6.91 21.03
N THR A 21 -9.54 -7.88 20.62
CA THR A 21 -10.64 -8.35 21.43
C THR A 21 -10.13 -9.26 22.54
N SER A 22 -11.06 -9.75 23.35
CA SER A 22 -10.76 -10.70 24.42
C SER A 22 -10.61 -12.13 23.91
N ASP A 23 -10.73 -12.34 22.61
CA ASP A 23 -10.46 -13.65 22.02
C ASP A 23 -9.01 -14.03 22.26
N PRO A 24 -8.72 -15.22 22.79
CA PRO A 24 -7.32 -15.63 22.96
C PRO A 24 -6.51 -15.59 21.68
N ALA A 25 -7.13 -15.85 20.52
CA ALA A 25 -6.42 -15.76 19.25
C ALA A 25 -6.06 -14.32 18.91
N ALA A 26 -6.84 -13.35 19.38
CA ALA A 26 -6.49 -11.96 19.19
C ALA A 26 -5.43 -11.50 20.17
N GLU A 27 -5.54 -11.92 21.44
CA GLU A 27 -4.51 -11.59 22.41
C GLU A 27 -3.18 -12.25 22.06
N ARG A 28 -3.21 -13.42 21.42
N ARG A 28 -3.22 -13.42 21.42
CA ARG A 28 -1.96 -14.04 21.00
CA ARG A 28 -1.99 -14.07 20.96
C ARG A 28 -1.34 -13.33 19.81
C ARG A 28 -1.33 -13.28 19.84
N LEU A 29 -2.12 -12.61 19.00
CA LEU A 29 -1.56 -11.80 17.94
C LEU A 29 -0.82 -10.60 18.51
N ARG A 30 -1.41 -9.93 19.51
CA ARG A 30 -0.73 -8.83 20.18
C ARG A 30 0.56 -9.30 20.85
N ASP A 31 0.52 -10.48 21.48
CA ASP A 31 1.73 -11.03 22.08
C ASP A 31 2.80 -11.26 21.02
N LEU A 32 2.41 -11.78 19.86
CA LEU A 32 3.35 -11.96 18.76
C LEU A 32 3.98 -10.63 18.35
N LEU A 33 3.15 -9.61 18.14
CA LEU A 33 3.67 -8.32 17.69
C LEU A 33 4.56 -7.69 18.75
N ARG A 34 4.10 -7.67 20.00
N ARG A 34 4.10 -7.67 20.00
CA ARG A 34 4.87 -7.05 21.07
CA ARG A 34 4.87 -7.04 21.07
C ARG A 34 6.22 -7.75 21.26
C ARG A 34 6.14 -7.81 21.43
N GLY A 35 6.30 -9.04 20.92
CA GLY A 35 7.52 -9.79 21.14
C GLY A 35 8.61 -9.59 20.11
N THR A 36 8.34 -8.82 19.05
CA THR A 36 9.33 -8.54 18.03
C THR A 36 10.06 -7.24 18.34
N ASP A 37 11.20 -7.04 17.67
CA ASP A 37 11.95 -5.81 17.85
C ASP A 37 11.30 -4.64 17.12
N PHE A 38 10.71 -4.89 15.95
CA PHE A 38 10.02 -3.88 15.17
C PHE A 38 8.79 -4.51 14.52
N ALA A 39 7.65 -3.84 14.63
CA ALA A 39 6.41 -4.28 14.00
C ALA A 39 5.92 -3.18 13.08
N VAL A 40 5.90 -3.46 11.78
CA VAL A 40 5.58 -2.48 10.75
C VAL A 40 4.17 -2.70 10.24
N THR A 41 3.41 -1.61 10.08
CA THR A 41 2.13 -1.65 9.42
C THR A 41 1.96 -0.39 8.58
N ASN A 42 0.96 -0.40 7.70
CA ASN A 42 0.66 0.70 6.81
C ASN A 42 -0.59 1.41 7.31
N LEU A 43 -0.43 2.64 7.79
CA LEU A 43 -1.55 3.40 8.31
C LEU A 43 -2.48 3.84 7.18
N GLU A 44 -3.48 3.03 6.88
CA GLU A 44 -4.44 3.30 5.81
C GLU A 44 -5.68 4.01 6.36
N VAL A 45 -5.44 5.11 7.06
CA VAL A 45 -6.50 5.93 7.65
C VAL A 45 -5.87 7.23 8.13
N VAL A 46 -6.60 8.34 8.01
CA VAL A 46 -6.14 9.63 8.51
C VAL A 46 -6.64 9.79 9.94
N PRO A 47 -5.76 9.70 10.94
CA PRO A 47 -6.18 10.08 12.30
C PRO A 47 -6.31 11.59 12.39
N SER A 48 -7.39 12.05 13.00
CA SER A 48 -7.71 13.46 12.92
C SER A 48 -8.28 13.95 14.24
N ASP A 49 -7.97 15.20 14.57
CA ASP A 49 -8.65 15.95 15.61
C ASP A 49 -9.48 17.09 15.05
N GLY A 50 -9.53 17.23 13.72
CA GLY A 50 -10.37 18.24 13.10
C GLY A 50 -9.68 19.06 12.01
N ARG A 51 -8.36 18.92 11.90
CA ARG A 51 -7.59 19.72 10.96
C ARG A 51 -7.69 19.16 9.56
N GLY A 52 -7.97 20.03 8.59
CA GLY A 52 -8.03 19.64 7.18
C GLY A 52 -9.45 19.72 6.65
N HIS A 53 -9.57 19.37 5.37
CA HIS A 53 -10.83 19.36 4.66
C HIS A 53 -10.87 18.12 3.77
N PRO A 54 -12.02 17.47 3.64
CA PRO A 54 -12.08 16.24 2.86
C PRO A 54 -11.82 16.51 1.38
N VAL A 55 -11.01 15.66 0.78
CA VAL A 55 -10.78 15.70 -0.66
C VAL A 55 -11.69 14.69 -1.31
N HIS A 56 -11.97 14.91 -2.59
CA HIS A 56 -12.85 14.01 -3.35
C HIS A 56 -12.02 12.82 -3.82
N ASN A 57 -12.15 11.70 -3.12
CA ASN A 57 -11.41 10.47 -3.42
C ASN A 57 -12.43 9.38 -3.74
N ALA A 58 -13.16 9.54 -4.83
CA ALA A 58 -14.19 8.57 -5.19
C ALA A 58 -13.58 7.26 -5.66
N VAL A 59 -12.53 7.33 -6.49
CA VAL A 59 -11.89 6.12 -6.99
C VAL A 59 -11.24 5.33 -5.86
N GLY A 60 -10.84 6.01 -4.80
CA GLY A 60 -10.27 5.34 -3.64
C GLY A 60 -11.26 4.68 -2.72
N GLY A 61 -12.55 4.75 -3.05
CA GLY A 61 -13.59 4.18 -2.20
C GLY A 61 -14.18 5.13 -1.19
N GLY A 62 -13.81 6.40 -1.23
CA GLY A 62 -14.29 7.39 -0.28
C GLY A 62 -13.19 7.80 0.69
N CYS A 63 -13.57 8.71 1.58
CA CYS A 63 -12.64 9.20 2.59
C CYS A 63 -12.54 8.20 3.74
N LEU A 64 -11.34 8.11 4.32
CA LEU A 64 -11.05 7.17 5.40
C LEU A 64 -10.42 7.98 6.54
N ILE A 65 -11.28 8.53 7.40
CA ILE A 65 -10.87 9.42 8.48
C ILE A 65 -11.41 8.85 9.79
N ALA A 66 -10.60 8.91 10.84
CA ALA A 66 -10.97 8.32 12.11
C ALA A 66 -10.51 9.21 13.26
N ASP A 67 -11.13 9.00 14.42
CA ASP A 67 -10.67 9.65 15.64
C ASP A 67 -9.21 9.30 15.89
N SER A 68 -8.43 10.31 16.27
CA SER A 68 -7.00 10.09 16.48
C SER A 68 -6.71 9.12 17.62
N ALA A 69 -7.72 8.77 18.43
CA ALA A 69 -7.53 7.77 19.47
C ALA A 69 -7.18 6.40 18.91
N VAL A 70 -7.49 6.14 17.63
CA VAL A 70 -7.16 4.84 17.04
C VAL A 70 -5.65 4.63 16.99
N LEU A 71 -4.86 5.70 17.09
CA LEU A 71 -3.41 5.54 17.15
C LEU A 71 -3.00 4.79 18.42
N ASP A 72 -3.72 5.04 19.52
CA ASP A 72 -3.47 4.28 20.74
C ASP A 72 -3.78 2.80 20.56
N GLU A 73 -4.81 2.48 19.77
CA GLU A 73 -5.11 1.08 19.49
C GLU A 73 -4.02 0.43 18.65
N VAL A 74 -3.44 1.20 17.71
CA VAL A 74 -2.37 0.66 16.86
C VAL A 74 -1.15 0.32 17.70
N THR A 75 -0.74 1.24 18.59
CA THR A 75 0.45 1.00 19.39
C THR A 75 0.22 -0.07 20.45
N ALA A 76 -0.96 -0.06 21.10
CA ALA A 76 -1.25 -1.07 22.10
C ALA A 76 -1.32 -2.45 21.48
N ALA A 77 -1.71 -2.55 20.21
CA ALA A 77 -1.72 -3.84 19.54
C ALA A 77 -0.31 -4.37 19.33
N GLY A 78 0.69 -3.48 19.26
CA GLY A 78 2.06 -3.92 19.15
C GLY A 78 2.84 -3.27 18.02
N PHE A 79 2.16 -2.56 17.12
CA PHE A 79 2.85 -1.93 16.00
C PHE A 79 3.69 -0.76 16.50
N SER A 80 4.92 -0.64 15.96
CA SER A 80 5.90 0.31 16.46
C SER A 80 6.52 1.21 15.40
N VAL A 81 6.42 0.87 14.11
CA VAL A 81 6.91 1.72 13.03
C VAL A 81 5.83 1.76 11.96
N LEU A 82 5.40 2.96 11.59
N LEU A 82 5.38 2.96 11.62
CA LEU A 82 4.25 3.15 10.71
CA LEU A 82 4.27 3.15 10.70
C LEU A 82 4.71 3.65 9.34
C LEU A 82 4.76 3.61 9.34
N GLY A 83 4.15 3.04 8.29
CA GLY A 83 4.31 3.55 6.94
C GLY A 83 3.03 4.28 6.57
N CYS A 84 3.18 5.46 5.98
CA CYS A 84 2.04 6.35 5.76
C CYS A 84 1.81 6.72 4.31
N ALA A 85 2.66 6.28 3.38
CA ALA A 85 2.46 6.60 1.97
C ALA A 85 1.45 5.62 1.38
N ASN A 86 0.27 6.14 1.04
CA ASN A 86 -0.81 5.34 0.44
C ASN A 86 -1.83 6.32 -0.12
N ASN A 87 -2.88 5.76 -0.75
CA ASN A 87 -3.88 6.57 -1.44
C ASN A 87 -4.92 7.17 -0.51
N HIS A 88 -4.76 7.08 0.80
CA HIS A 88 -5.67 7.70 1.74
C HIS A 88 -5.03 8.71 2.66
N ALA A 89 -3.69 8.79 2.72
CA ALA A 89 -3.04 9.71 3.64
C ALA A 89 -3.43 11.15 3.38
N MET A 90 -3.78 11.50 2.14
CA MET A 90 -4.15 12.86 1.78
C MET A 90 -5.65 13.09 1.79
N ASP A 91 -6.40 12.26 2.50
CA ASP A 91 -7.87 12.36 2.47
C ASP A 91 -8.37 13.66 3.09
N LEU A 92 -7.59 14.28 3.98
CA LEU A 92 -7.94 15.59 4.53
C LEU A 92 -7.05 16.69 3.98
N GLY A 93 -6.38 16.45 2.84
CA GLY A 93 -5.57 17.47 2.19
C GLY A 93 -4.23 17.68 2.87
N THR A 94 -3.54 18.74 2.43
CA THR A 94 -2.23 19.07 2.97
C THR A 94 -2.32 19.42 4.46
N GLU A 95 -3.41 20.06 4.88
CA GLU A 95 -3.57 20.35 6.31
C GLU A 95 -3.78 19.07 7.11
N GLY A 96 -4.47 18.08 6.53
CA GLY A 96 -4.66 16.83 7.23
C GLY A 96 -3.37 16.05 7.42
N VAL A 97 -2.53 16.02 6.39
CA VAL A 97 -1.28 15.27 6.50
C VAL A 97 -0.32 15.98 7.46
N LEU A 98 -0.40 17.31 7.56
CA LEU A 98 0.36 18.01 8.58
C LEU A 98 -0.20 17.72 9.98
N GLY A 99 -1.51 17.53 10.09
CA GLY A 99 -2.09 17.15 11.36
C GLY A 99 -1.70 15.74 11.76
N THR A 100 -1.61 14.83 10.79
CA THR A 100 -1.18 13.47 11.07
C THR A 100 0.25 13.44 11.60
N MET A 101 1.16 14.15 10.94
CA MET A 101 2.54 14.22 11.41
C MET A 101 2.61 14.75 12.83
N ASP A 102 1.81 15.77 13.15
CA ASP A 102 1.78 16.29 14.52
C ASP A 102 1.29 15.22 15.50
N LEU A 103 0.21 14.52 15.15
CA LEU A 103 -0.31 13.48 16.03
C LEU A 103 0.70 12.38 16.26
N LEU A 104 1.36 11.93 15.20
CA LEU A 104 2.33 10.83 15.33
C LEU A 104 3.52 11.25 16.17
N ARG A 105 4.01 12.49 15.98
CA ARG A 105 5.18 12.94 16.73
C ARG A 105 4.84 13.20 18.19
N ALA A 106 3.61 13.62 18.49
CA ALA A 106 3.22 13.84 19.88
C ALA A 106 3.08 12.52 20.64
N ARG A 107 2.76 11.43 19.94
CA ARG A 107 2.66 10.12 20.55
C ARG A 107 3.95 9.32 20.47
N GLY A 108 5.02 9.90 19.92
CA GLY A 108 6.29 9.21 19.83
C GLY A 108 6.32 8.04 18.87
N ILE A 109 5.50 8.07 17.83
CA ILE A 109 5.38 6.96 16.89
C ILE A 109 6.28 7.24 15.70
N PRO A 110 7.28 6.41 15.42
CA PRO A 110 8.08 6.60 14.20
C PRO A 110 7.23 6.36 12.95
N TYR A 111 7.42 7.22 11.96
CA TYR A 111 6.67 7.11 10.71
C TYR A 111 7.53 7.57 9.55
N ALA A 112 7.17 7.12 8.36
CA ALA A 112 7.83 7.56 7.13
C ALA A 112 6.83 7.51 5.99
N GLY A 113 7.14 8.23 4.91
CA GLY A 113 6.33 8.21 3.70
C GLY A 113 5.51 9.46 3.48
N ILE A 114 5.39 10.33 4.49
CA ILE A 114 4.73 11.62 4.34
C ILE A 114 5.61 12.68 4.99
N GLY A 115 5.48 13.91 4.52
CA GLY A 115 6.31 14.97 5.06
C GLY A 115 5.78 16.33 4.67
N ALA A 116 6.41 17.36 5.24
CA ALA A 116 6.09 18.73 4.88
C ALA A 116 6.55 19.08 3.48
N ASP A 117 7.56 18.38 2.95
CA ASP A 117 8.01 18.54 1.58
C ASP A 117 8.39 17.17 1.04
N LEU A 118 8.85 17.15 -0.23
CA LEU A 118 9.13 15.88 -0.89
C LEU A 118 10.29 15.15 -0.22
N THR A 119 11.31 15.88 0.22
CA THR A 119 12.45 15.23 0.85
C THR A 119 12.05 14.58 2.17
N GLY A 120 11.23 15.27 2.97
CA GLY A 120 10.75 14.69 4.22
C GLY A 120 9.93 13.44 4.01
N ALA A 121 9.16 13.38 2.91
CA ALA A 121 8.40 12.19 2.59
C ALA A 121 9.30 11.08 2.06
N ARG A 122 10.44 11.42 1.47
CA ARG A 122 11.33 10.39 0.93
C ARG A 122 12.26 9.83 1.99
N ARG A 123 12.64 10.64 2.99
CA ARG A 123 13.59 10.24 4.03
C ARG A 123 13.20 8.91 4.66
N PRO A 124 14.17 8.13 5.11
CA PRO A 124 13.85 7.03 6.01
C PRO A 124 13.65 7.55 7.42
N VAL A 125 12.96 6.75 8.23
CA VAL A 125 12.87 6.97 9.66
C VAL A 125 13.68 5.88 10.34
N TYR A 126 14.44 6.24 11.36
CA TYR A 126 15.30 5.30 12.08
C TYR A 126 14.66 5.00 13.42
N ALA A 127 14.25 3.74 13.61
CA ALA A 127 13.77 3.26 14.90
C ALA A 127 14.92 2.54 15.60
N ASP A 128 15.32 3.04 16.76
CA ASP A 128 16.43 2.50 17.52
C ASP A 128 15.90 1.70 18.71
N ARG A 129 16.42 0.49 18.88
CA ARG A 129 16.11 -0.39 19.99
C ARG A 129 17.43 -0.84 20.61
N PRO A 130 17.40 -1.37 21.84
CA PRO A 130 18.66 -1.79 22.47
C PRO A 130 19.41 -2.84 21.67
N GLY A 131 18.73 -3.63 20.85
CA GLY A 131 19.39 -4.66 20.08
C GLY A 131 19.82 -4.27 18.69
N GLY A 132 19.45 -3.08 18.23
CA GLY A 132 19.79 -2.66 16.89
C GLY A 132 18.74 -1.71 16.35
N SER A 133 18.89 -1.36 15.08
CA SER A 133 18.10 -0.30 14.46
C SER A 133 17.49 -0.78 13.15
N LEU A 134 16.31 -0.25 12.85
CA LEU A 134 15.61 -0.50 11.58
C LEU A 134 15.32 0.84 10.92
N ALA A 135 15.58 0.91 9.61
CA ALA A 135 15.22 2.07 8.80
C ALA A 135 14.04 1.70 7.94
N LEU A 136 12.99 2.52 7.98
CA LEU A 136 11.79 2.32 7.19
C LEU A 136 11.66 3.43 6.16
N LEU A 137 11.45 3.04 4.91
CA LEU A 137 11.08 3.95 3.84
C LEU A 137 9.71 3.55 3.31
N SER A 138 8.89 4.54 2.95
CA SER A 138 7.51 4.30 2.57
C SER A 138 7.17 5.12 1.34
N CYS A 139 6.62 4.47 0.32
CA CYS A 139 6.20 5.13 -0.91
C CYS A 139 4.92 4.47 -1.40
N THR A 140 4.24 5.13 -2.34
CA THR A 140 3.01 4.59 -2.91
C THR A 140 2.96 4.87 -4.41
N ALA A 141 2.46 3.89 -5.15
CA ALA A 141 2.24 4.01 -6.59
C ALA A 141 0.79 4.29 -6.93
N THR A 142 -0.08 4.36 -5.93
CA THR A 142 -1.51 4.64 -6.12
C THR A 142 -1.86 5.88 -5.32
N PHE A 143 -2.25 6.95 -6.01
CA PHE A 143 -2.64 8.20 -5.39
C PHE A 143 -3.18 9.12 -6.47
N LEU A 144 -4.01 10.07 -6.05
CA LEU A 144 -4.54 11.06 -6.98
C LEU A 144 -3.43 12.00 -7.41
N PRO A 145 -3.35 12.34 -8.70
CA PRO A 145 -2.30 13.26 -9.16
C PRO A 145 -2.31 14.56 -8.37
N GLY A 146 -1.11 15.07 -8.08
CA GLY A 146 -0.96 16.25 -7.27
C GLY A 146 -0.78 15.98 -5.79
N GLN A 147 -1.16 14.79 -5.31
CA GLN A 147 -1.03 14.49 -3.89
C GLN A 147 0.40 14.24 -3.47
N GLU A 148 1.31 13.99 -4.41
CA GLU A 148 2.71 13.83 -4.07
C GLU A 148 3.25 15.11 -3.46
N ALA A 149 4.13 14.97 -2.47
CA ALA A 149 4.75 16.13 -1.86
C ALA A 149 5.67 16.82 -2.85
N ALA A 150 6.06 18.04 -2.52
CA ALA A 150 6.91 18.85 -3.38
C ALA A 150 7.98 19.51 -2.53
N ASP A 151 9.18 19.63 -3.11
CA ASP A 151 10.29 20.29 -2.45
C ASP A 151 10.22 21.79 -2.68
N PRO A 152 10.87 22.59 -1.82
CA PRO A 152 10.82 24.04 -1.98
C PRO A 152 11.68 24.52 -3.15
N SER A 153 11.38 25.73 -3.58
CA SER A 153 12.18 26.50 -4.52
C SER A 153 12.81 27.67 -3.78
N PRO A 154 13.69 28.43 -4.44
CA PRO A 154 14.24 29.62 -3.78
C PRO A 154 13.19 30.66 -3.41
N GLU A 155 12.00 30.62 -4.03
CA GLU A 155 10.98 31.63 -3.81
C GLU A 155 9.69 31.11 -3.21
N LEU A 156 9.44 29.80 -3.25
CA LEU A 156 8.20 29.27 -2.72
C LEU A 156 8.49 28.05 -1.85
N PRO A 157 7.65 27.79 -0.85
CA PRO A 157 7.81 26.58 -0.04
C PRO A 157 7.44 25.34 -0.84
N GLY A 158 7.75 24.18 -0.26
CA GLY A 158 7.31 22.94 -0.84
C GLY A 158 5.82 22.73 -0.59
N ARG A 159 5.39 21.49 -0.79
CA ARG A 159 3.99 21.13 -0.55
C ARG A 159 3.95 19.86 0.27
N PRO A 160 3.21 19.83 1.38
CA PRO A 160 3.04 18.57 2.12
C PRO A 160 2.36 17.52 1.26
N GLY A 161 2.78 16.27 1.44
CA GLY A 161 2.21 15.18 0.66
C GLY A 161 2.93 13.88 0.92
N LEU A 162 2.81 12.96 -0.04
CA LEU A 162 3.28 11.60 0.08
C LEU A 162 4.52 11.37 -0.77
N ASN A 163 5.21 10.25 -0.50
CA ASN A 163 6.36 9.84 -1.27
C ASN A 163 5.91 9.03 -2.48
N PRO A 164 6.05 9.53 -3.70
CA PRO A 164 5.45 8.88 -4.87
C PRO A 164 6.38 7.90 -5.55
N LEU A 165 5.75 6.87 -6.12
CA LEU A 165 6.39 5.95 -7.06
C LEU A 165 5.51 5.97 -8.32
N ARG A 166 5.77 6.94 -9.19
CA ARG A 166 4.95 7.08 -10.38
C ARG A 166 5.36 6.04 -11.42
N HIS A 167 4.45 5.80 -12.36
CA HIS A 167 4.66 4.81 -13.40
C HIS A 167 3.79 5.15 -14.59
N THR A 168 4.23 4.74 -15.78
CA THR A 168 3.50 4.97 -17.01
C THR A 168 3.13 3.64 -17.65
N ALA A 169 1.96 3.62 -18.29
CA ALA A 169 1.48 2.46 -19.02
C ALA A 169 1.48 2.77 -20.51
N THR A 170 1.91 1.80 -21.31
CA THR A 170 1.95 1.94 -22.76
C THR A 170 1.14 0.81 -23.39
N MET A 171 0.23 1.17 -24.28
CA MET A 171 -0.56 0.20 -25.02
C MET A 171 0.15 -0.13 -26.32
N GLN A 172 0.56 -1.40 -26.46
CA GLN A 172 1.18 -1.86 -27.69
C GLN A 172 0.08 -2.27 -28.66
N VAL A 173 0.08 -1.67 -29.85
CA VAL A 173 -0.92 -1.96 -30.87
C VAL A 173 -0.23 -2.22 -32.19
N THR A 174 -0.91 -2.99 -33.05
CA THR A 174 -0.41 -3.25 -34.38
C THR A 174 -0.45 -1.98 -35.23
N ALA A 175 0.30 -1.99 -36.33
CA ALA A 175 0.37 -0.81 -37.19
C ALA A 175 -0.99 -0.47 -37.79
N ASP A 176 -1.83 -1.47 -38.06
CA ASP A 176 -3.15 -1.20 -38.60
C ASP A 176 -4.06 -0.62 -37.52
N GLN A 177 -3.99 -1.15 -36.30
CA GLN A 177 -4.72 -0.56 -35.19
C GLN A 177 -4.27 0.88 -34.93
N MET A 178 -2.97 1.15 -35.10
CA MET A 178 -2.47 2.49 -34.89
C MET A 178 -3.06 3.47 -35.90
N ASP A 179 -3.17 3.05 -37.17
CA ASP A 179 -3.73 3.93 -38.19
C ASP A 179 -5.20 4.24 -37.94
N VAL A 180 -5.95 3.28 -37.38
CA VAL A 180 -7.35 3.53 -37.05
C VAL A 180 -7.46 4.57 -35.94
N LEU A 181 -6.56 4.51 -34.96
CA LEU A 181 -6.59 5.47 -33.86
C LEU A 181 -6.37 6.89 -34.36
N ARG A 182 -5.36 7.09 -35.22
CA ARG A 182 -5.13 8.42 -35.75
C ARG A 182 -6.24 8.83 -36.71
N THR A 183 -6.84 7.88 -37.41
CA THR A 183 -8.00 8.22 -38.23
C THR A 183 -9.17 8.69 -37.37
N ILE A 184 -9.42 7.99 -36.26
CA ILE A 184 -10.45 8.43 -35.31
C ILE A 184 -10.09 9.81 -34.78
N ASP A 185 -8.80 10.06 -34.54
CA ASP A 185 -8.37 11.36 -34.04
C ASP A 185 -8.69 12.47 -35.03
N ALA A 186 -8.40 12.25 -36.31
CA ALA A 186 -8.61 13.29 -37.30
C ALA A 186 -10.08 13.45 -37.66
N GLU A 187 -10.79 12.33 -37.87
CA GLU A 187 -12.14 12.40 -38.39
C GLU A 187 -13.14 12.90 -37.35
N THR A 188 -12.91 12.62 -36.07
CA THR A 188 -13.82 13.14 -35.05
C THR A 188 -13.64 14.63 -34.81
N GLY A 189 -12.60 15.25 -35.36
CA GLY A 189 -12.32 16.65 -35.11
C GLY A 189 -11.48 16.91 -33.88
N LEU A 190 -11.02 15.85 -33.20
CA LEU A 190 -10.20 16.04 -32.00
C LEU A 190 -8.86 16.66 -32.35
N ARG A 191 -8.26 16.23 -33.46
CA ARG A 191 -6.98 16.81 -33.88
C ARG A 191 -7.12 18.29 -34.20
N ALA A 192 -8.30 18.72 -34.66
CA ALA A 192 -8.52 20.13 -34.93
C ALA A 192 -8.52 20.95 -33.64
N ARG A 193 -8.96 20.37 -32.53
CA ARG A 193 -9.01 21.08 -31.26
C ARG A 193 -7.65 21.25 -30.61
N ARG A 194 -6.60 20.62 -31.14
CA ARG A 194 -5.24 20.84 -30.66
C ARG A 194 -4.49 21.84 -31.54
N ALA A 195 -5.21 22.59 -32.38
CA ALA A 195 -4.57 23.45 -33.36
C ALA A 195 -3.73 24.54 -32.71
N GLU A 196 -4.24 25.14 -31.62
CA GLU A 196 -3.50 26.24 -31.00
C GLU A 196 -2.42 25.73 -30.05
N ALA A 197 -2.61 24.55 -29.44
CA ALA A 197 -1.53 23.94 -28.70
C ALA A 197 -0.33 23.66 -29.60
N ARG A 198 -0.59 23.40 -30.89
CA ARG A 198 0.50 23.28 -31.86
C ARG A 198 1.18 24.62 -32.07
N ALA A 199 0.42 25.71 -32.12
CA ALA A 199 0.99 27.03 -32.34
C ALA A 199 1.74 27.55 -31.11
N LEU A 200 1.30 27.18 -29.92
CA LEU A 200 1.94 27.68 -28.71
C LEU A 200 3.23 26.95 -28.40
N LEU A 201 3.21 25.61 -28.45
CA LEU A 201 4.37 24.81 -28.13
C LEU A 201 5.28 24.55 -29.33
N GLY A 202 4.75 24.66 -30.55
CA GLY A 202 5.56 24.50 -31.75
C GLY A 202 5.39 23.16 -32.44
N VAL A 203 4.71 22.20 -31.81
CA VAL A 203 4.55 20.87 -32.39
C VAL A 203 3.33 20.22 -31.74
N ASP A 204 2.77 19.24 -32.43
CA ASP A 204 1.60 18.52 -31.91
C ASP A 204 2.01 17.66 -30.72
N PRO A 205 1.48 17.90 -29.52
CA PRO A 205 1.87 17.09 -28.35
C PRO A 205 1.39 15.65 -28.43
N ALA A 206 0.59 15.28 -29.42
CA ALA A 206 0.17 13.90 -29.60
C ALA A 206 1.13 13.10 -30.48
N LEU A 207 2.08 13.76 -31.13
CA LEU A 207 3.06 13.10 -32.00
C LEU A 207 4.39 13.05 -31.26
N LEU A 208 4.77 11.86 -30.82
CA LEU A 208 5.96 11.69 -30.00
C LEU A 208 7.12 11.13 -30.82
N ASP A 211 7.59 4.60 -33.41
CA ASP A 211 6.76 5.80 -33.51
C ASP A 211 5.69 5.78 -32.42
N ARG A 212 5.90 6.60 -31.39
CA ARG A 212 4.99 6.67 -30.26
C ARG A 212 3.77 7.52 -30.62
N LEU A 213 2.85 7.66 -29.66
CA LEU A 213 1.60 8.37 -29.88
C LEU A 213 0.87 8.52 -28.55
N ALA A 214 0.32 9.71 -28.32
CA ALA A 214 -0.40 10.01 -27.08
C ALA A 214 -1.78 10.57 -27.43
N LEU A 215 -2.82 9.77 -27.19
CA LEU A 215 -4.19 10.20 -27.45
C LEU A 215 -5.07 9.74 -26.30
N PHE A 216 -6.14 10.48 -26.05
CA PHE A 216 -7.09 10.19 -24.98
C PHE A 216 -6.38 10.05 -23.64
N GLY A 217 -5.29 10.80 -23.45
CA GLY A 217 -4.50 10.66 -22.24
C GLY A 217 -3.90 9.28 -22.07
N THR A 218 -3.55 8.61 -23.16
CA THR A 218 -3.00 7.27 -23.12
C THR A 218 -1.87 7.18 -24.13
N ARG A 219 -0.83 6.42 -23.78
CA ARG A 219 0.33 6.26 -24.65
C ARG A 219 0.17 5.01 -25.50
N PHE A 220 0.30 5.17 -26.81
CA PHE A 220 0.22 4.06 -27.76
C PHE A 220 1.56 3.90 -28.49
N ARG A 221 1.90 2.66 -28.80
CA ARG A 221 3.13 2.35 -29.51
C ARG A 221 2.87 1.24 -30.52
N THR A 222 3.45 1.37 -31.71
CA THR A 222 3.34 0.34 -32.71
C THR A 222 4.19 -0.86 -32.32
N ALA A 223 3.61 -2.06 -32.44
CA ALA A 223 4.30 -3.27 -32.02
C ALA A 223 3.92 -4.43 -32.93
N ASP A 224 4.67 -5.52 -32.83
CA ASP A 224 4.40 -6.71 -33.61
C ASP A 224 3.03 -7.29 -33.27
N ALA A 225 2.73 -7.38 -31.98
CA ALA A 225 1.47 -7.89 -31.48
C ALA A 225 0.95 -6.97 -30.38
N PRO A 226 -0.36 -6.92 -30.17
CA PRO A 226 -0.90 -6.12 -29.06
C PRO A 226 -0.35 -6.60 -27.72
N GLY A 227 -0.23 -5.66 -26.79
CA GLY A 227 0.31 -5.97 -25.48
C GLY A 227 0.15 -4.79 -24.55
N PHE A 228 0.69 -4.95 -23.35
CA PHE A 228 0.55 -3.95 -22.30
C PHE A 228 1.80 -3.96 -21.45
N THR A 229 2.44 -2.79 -21.30
CA THR A 229 3.66 -2.67 -20.53
C THR A 229 3.56 -1.51 -19.55
N THR A 230 4.21 -1.66 -18.41
CA THR A 230 4.31 -0.61 -17.40
C THR A 230 5.77 -0.42 -17.03
N GLU A 231 6.10 0.79 -16.58
CA GLU A 231 7.47 1.12 -16.22
C GLU A 231 7.46 2.22 -15.16
N CYS A 232 8.34 2.08 -14.19
CA CYS A 232 8.48 3.08 -13.14
C CYS A 232 8.94 4.42 -13.72
N ASP A 233 8.53 5.49 -13.05
CA ASP A 233 9.08 6.81 -13.36
C ASP A 233 10.58 6.81 -13.02
N PRO A 234 11.46 7.16 -13.95
CA PRO A 234 12.89 7.11 -13.66
C PRO A 234 13.31 8.00 -12.50
N ARG A 235 12.67 9.17 -12.34
CA ARG A 235 13.01 10.07 -11.25
C ARG A 235 12.71 9.41 -9.91
N ASP A 236 11.50 8.88 -9.76
CA ASP A 236 11.10 8.28 -8.49
C ASP A 236 11.93 7.04 -8.18
N LEU A 237 12.23 6.24 -9.20
CA LEU A 237 13.00 5.02 -8.96
C LEU A 237 14.41 5.34 -8.50
N ASP A 238 15.05 6.33 -9.13
N ASP A 238 15.06 6.34 -9.13
CA ASP A 238 16.42 6.69 -8.75
CA ASP A 238 16.42 6.68 -8.75
C ASP A 238 16.45 7.39 -7.41
C ASP A 238 16.45 7.39 -7.41
N GLU A 239 15.45 8.23 -7.13
CA GLU A 239 15.42 8.96 -5.86
C GLU A 239 15.18 8.03 -4.69
N ILE A 240 14.19 7.14 -4.81
CA ILE A 240 13.92 6.19 -3.73
C ILE A 240 15.11 5.27 -3.53
N ALA A 241 15.70 4.79 -4.63
CA ALA A 241 16.90 3.96 -4.52
C ALA A 241 18.04 4.73 -3.85
N ARG A 242 18.14 6.03 -4.13
CA ARG A 242 19.18 6.85 -3.51
C ARG A 242 19.04 6.85 -1.99
N TRP A 243 17.81 7.03 -1.48
CA TRP A 243 17.62 7.05 -0.04
C TRP A 243 17.78 5.67 0.57
N VAL A 244 17.48 4.62 -0.18
CA VAL A 244 17.71 3.26 0.33
C VAL A 244 19.20 3.04 0.59
N GLY A 245 20.05 3.48 -0.33
CA GLY A 245 21.48 3.39 -0.10
C GLY A 245 21.95 4.24 1.07
N GLU A 246 21.29 5.37 1.30
CA GLU A 246 21.60 6.19 2.48
C GLU A 246 21.23 5.46 3.77
N ALA A 247 20.04 4.86 3.81
CA ALA A 247 19.60 4.17 5.02
C ALA A 247 20.46 2.95 5.33
N ARG A 248 21.03 2.31 4.31
CA ARG A 248 21.85 1.13 4.55
C ARG A 248 23.08 1.45 5.38
N LEU A 249 23.57 2.68 5.29
CA LEU A 249 24.76 3.08 6.04
C LEU A 249 24.48 3.39 7.51
N ARG A 250 23.22 3.62 7.86
CA ARG A 250 22.87 4.14 9.18
C ARG A 250 21.96 3.23 9.98
N ALA A 251 21.71 2.00 9.52
CA ALA A 251 20.84 1.09 10.26
C ALA A 251 21.26 -0.35 9.99
N ASP A 252 20.88 -1.24 10.91
CA ASP A 252 21.13 -2.66 10.72
C ASP A 252 20.24 -3.22 9.62
N LEU A 253 18.98 -2.80 9.59
CA LEU A 253 17.99 -3.32 8.64
C LEU A 253 17.31 -2.16 7.92
N VAL A 254 17.03 -2.37 6.64
CA VAL A 254 16.32 -1.40 5.81
C VAL A 254 15.11 -2.10 5.21
N VAL A 255 13.93 -1.61 5.53
CA VAL A 255 12.67 -2.15 5.02
C VAL A 255 12.01 -1.08 4.14
N VAL A 256 11.57 -1.50 2.96
CA VAL A 256 10.88 -0.61 2.02
C VAL A 256 9.42 -1.03 1.96
N SER A 257 8.53 -0.09 2.27
CA SER A 257 7.10 -0.33 2.28
C SER A 257 6.48 0.39 1.08
N VAL A 258 5.82 -0.37 0.20
CA VAL A 258 5.30 0.18 -1.05
C VAL A 258 3.82 -0.16 -1.16
N HIS A 259 3.02 0.85 -1.48
CA HIS A 259 1.58 0.70 -1.66
C HIS A 259 1.27 0.72 -3.16
N SER A 260 0.48 -0.24 -3.62
CA SER A 260 0.22 -0.37 -5.06
C SER A 260 -1.04 -1.19 -5.28
N HIS A 261 -2.09 -0.55 -5.81
CA HIS A 261 -3.29 -1.25 -6.23
C HIS A 261 -3.15 -1.86 -7.62
N GLU A 262 -2.15 -1.44 -8.39
CA GLU A 262 -2.11 -1.74 -9.82
C GLU A 262 -2.01 -3.24 -10.05
N PRO A 263 -2.87 -3.81 -10.87
CA PRO A 263 -2.80 -5.25 -11.16
C PRO A 263 -1.90 -5.55 -12.36
N GLY A 264 -1.41 -6.77 -12.39
CA GLY A 264 -0.67 -7.27 -13.52
C GLY A 264 -1.63 -7.82 -14.57
N PRO A 265 -1.17 -8.79 -15.35
CA PRO A 265 -2.07 -9.44 -16.32
C PRO A 265 -3.30 -10.07 -15.67
N THR A 266 -3.19 -10.50 -14.41
CA THR A 266 -4.29 -11.03 -13.64
C THR A 266 -4.29 -10.36 -12.26
N PRO A 267 -5.46 -10.20 -11.64
CA PRO A 267 -5.53 -9.42 -10.39
C PRO A 267 -4.59 -9.86 -9.29
N GLU A 268 -4.21 -11.14 -9.22
CA GLU A 268 -3.32 -11.57 -8.16
C GLU A 268 -1.85 -11.31 -8.46
N THR A 269 -1.50 -10.94 -9.70
N THR A 269 -1.50 -10.98 -9.70
CA THR A 269 -0.12 -10.68 -10.09
CA THR A 269 -0.10 -10.69 -9.96
C THR A 269 0.20 -9.20 -9.93
C THR A 269 0.18 -9.20 -9.84
N PRO A 270 1.35 -8.84 -9.36
CA PRO A 270 1.71 -7.42 -9.26
C PRO A 270 2.02 -6.85 -10.63
N GLY A 271 1.96 -5.51 -10.71
CA GLY A 271 2.38 -4.85 -11.92
C GLY A 271 3.85 -5.09 -12.20
N GLU A 272 4.19 -5.16 -13.48
CA GLU A 272 5.58 -5.42 -13.87
C GLU A 272 6.52 -4.36 -13.28
N PHE A 273 6.05 -3.11 -13.18
CA PHE A 273 6.90 -2.06 -12.63
C PHE A 273 7.17 -2.31 -11.14
N LEU A 274 6.20 -2.87 -10.42
CA LEU A 274 6.38 -3.14 -9.01
C LEU A 274 7.45 -4.20 -8.78
N ARG A 275 7.51 -5.20 -9.67
CA ARG A 275 8.56 -6.21 -9.54
C ARG A 275 9.93 -5.62 -9.83
N VAL A 276 10.03 -4.76 -10.85
CA VAL A 276 11.30 -4.08 -11.12
C VAL A 276 11.70 -3.20 -9.95
N PHE A 277 10.74 -2.49 -9.37
CA PHE A 277 11.02 -1.65 -8.20
C PHE A 277 11.55 -2.49 -7.04
N ALA A 278 10.90 -3.63 -6.76
CA ALA A 278 11.30 -4.46 -5.63
C ALA A 278 12.69 -5.04 -5.81
N HIS A 279 13.02 -5.48 -7.02
CA HIS A 279 14.38 -5.97 -7.28
C HIS A 279 15.40 -4.87 -7.09
N ARG A 280 15.08 -3.65 -7.53
CA ARG A 280 16.00 -2.53 -7.39
C ARG A 280 16.26 -2.20 -5.93
N MET A 281 15.20 -2.18 -5.11
CA MET A 281 15.36 -1.87 -3.69
C MET A 281 16.33 -2.84 -3.01
N ILE A 282 16.17 -4.13 -3.29
CA ILE A 282 17.09 -5.12 -2.73
C ILE A 282 18.47 -4.98 -3.37
N ASP A 283 18.54 -4.62 -4.66
CA ASP A 283 19.82 -4.36 -5.29
C ASP A 283 20.56 -3.22 -4.59
N GLU A 284 19.82 -2.23 -4.07
CA GLU A 284 20.44 -1.10 -3.39
C GLU A 284 20.76 -1.36 -1.93
N GLY A 285 20.26 -2.46 -1.36
CA GLY A 285 20.64 -2.82 0.00
C GLY A 285 19.50 -3.01 0.98
N ALA A 286 18.26 -3.02 0.50
CA ALA A 286 17.13 -3.26 1.38
C ALA A 286 17.09 -4.72 1.81
N HIS A 287 16.67 -4.95 3.05
CA HIS A 287 16.59 -6.31 3.59
C HIS A 287 15.22 -6.95 3.38
N ALA A 288 14.20 -6.17 3.05
CA ALA A 288 12.87 -6.69 2.82
C ALA A 288 12.03 -5.63 2.13
N VAL A 289 11.07 -6.09 1.32
CA VAL A 289 10.11 -5.23 0.65
C VAL A 289 8.72 -5.72 1.01
N VAL A 290 7.95 -4.89 1.72
CA VAL A 290 6.60 -5.23 2.14
C VAL A 290 5.61 -4.43 1.31
N GLY A 291 4.65 -5.13 0.70
CA GLY A 291 3.70 -4.49 -0.18
C GLY A 291 2.28 -4.59 0.31
N HIS A 292 1.39 -3.75 -0.22
CA HIS A 292 -0.01 -3.70 0.17
C HIS A 292 -0.74 -2.83 -0.84
N GLY A 293 -2.07 -2.81 -0.72
CA GLY A 293 -2.89 -2.08 -1.66
C GLY A 293 -4.16 -2.80 -2.08
N PRO A 294 -4.01 -3.95 -2.76
CA PRO A 294 -5.19 -4.62 -3.35
C PRO A 294 -6.20 -5.14 -2.35
N ASN A 295 -5.93 -5.04 -1.04
CA ASN A 295 -6.81 -5.53 0.02
C ASN A 295 -6.99 -7.05 -0.01
N PHE A 296 -6.12 -7.77 -0.72
CA PHE A 296 -6.04 -9.22 -0.63
C PHE A 296 -4.57 -9.62 -0.69
N LEU A 297 -4.31 -10.91 -0.54
CA LEU A 297 -2.94 -11.40 -0.52
C LEU A 297 -2.39 -11.58 -1.93
N ARG A 298 -1.08 -11.41 -2.06
CA ARG A 298 -0.35 -11.70 -3.29
C ARG A 298 0.86 -12.57 -2.95
N GLY A 299 1.64 -12.89 -3.97
CA GLY A 299 2.71 -13.85 -3.81
C GLY A 299 3.89 -13.29 -3.02
N VAL A 300 4.74 -14.21 -2.59
CA VAL A 300 5.98 -13.89 -1.88
C VAL A 300 7.14 -14.38 -2.72
N GLU A 301 8.11 -13.50 -2.95
CA GLU A 301 9.29 -13.82 -3.76
C GLU A 301 10.54 -13.64 -2.92
N LEU A 302 11.47 -14.59 -3.06
CA LEU A 302 12.80 -14.49 -2.49
C LEU A 302 13.77 -14.06 -3.59
N TYR A 303 14.36 -12.88 -3.43
CA TYR A 303 15.28 -12.33 -4.41
C TYR A 303 16.59 -11.99 -3.71
N ARG A 304 17.67 -12.64 -4.16
CA ARG A 304 18.99 -12.48 -3.55
C ARG A 304 18.92 -12.71 -2.03
N ASN A 305 18.17 -13.73 -1.63
CA ASN A 305 17.99 -14.15 -0.25
C ASN A 305 17.28 -13.08 0.60
N LYS A 306 16.50 -12.22 -0.03
CA LYS A 306 15.71 -11.22 0.68
C LYS A 306 14.25 -11.33 0.27
N PRO A 307 13.32 -11.26 1.21
CA PRO A 307 11.91 -11.51 0.89
C PRO A 307 11.22 -10.30 0.30
N ILE A 308 10.32 -10.57 -0.65
CA ILE A 308 9.44 -9.55 -1.23
C ILE A 308 8.01 -10.02 -1.03
N PHE A 309 7.25 -9.26 -0.24
CA PHE A 309 5.83 -9.54 0.00
C PHE A 309 5.03 -8.55 -0.83
N TYR A 310 4.52 -9.01 -1.98
CA TYR A 310 3.89 -8.08 -2.92
C TYR A 310 2.59 -7.50 -2.36
N SER A 311 1.91 -8.24 -1.48
CA SER A 311 0.73 -7.69 -0.80
C SER A 311 0.39 -8.55 0.39
N LEU A 312 0.34 -7.94 1.58
CA LEU A 312 -0.13 -8.59 2.79
C LEU A 312 -1.57 -8.24 3.11
N GLY A 313 -2.31 -7.69 2.15
CA GLY A 313 -3.73 -7.45 2.32
C GLY A 313 -4.01 -6.39 3.38
N ASN A 314 -5.04 -6.65 4.19
CA ASN A 314 -5.42 -5.78 5.29
C ASN A 314 -5.11 -6.49 6.61
N ILE A 315 -4.47 -5.77 7.53
CA ILE A 315 -4.35 -6.29 8.89
C ILE A 315 -5.52 -5.82 9.76
N VAL A 316 -6.12 -4.68 9.42
CA VAL A 316 -7.37 -4.21 10.01
C VAL A 316 -8.23 -3.66 8.89
N SER A 317 -9.53 -3.98 8.90
CA SER A 317 -10.44 -3.57 7.83
C SER A 317 -11.79 -3.17 8.44
N GLN A 318 -11.91 -1.90 8.80
CA GLN A 318 -13.13 -1.35 9.38
C GLN A 318 -13.65 -0.18 8.56
N ILE A 319 -13.59 -0.29 7.24
CA ILE A 319 -14.03 0.79 6.36
C ILE A 319 -15.49 1.13 6.63
N GLU A 320 -16.34 0.11 6.71
CA GLU A 320 -17.78 0.32 6.84
C GLU A 320 -18.19 0.81 8.23
N LEU A 321 -17.25 0.98 9.15
CA LEU A 321 -17.56 1.44 10.50
C LEU A 321 -17.17 2.89 10.75
N THR A 322 -16.67 3.60 9.74
CA THR A 322 -16.26 4.98 9.94
C THR A 322 -17.47 5.88 10.19
N ASP A 323 -17.31 6.82 11.10
CA ASP A 323 -18.35 7.80 11.41
C ASP A 323 -18.12 9.13 10.72
N ARG A 324 -17.27 9.17 9.70
CA ARG A 324 -16.89 10.40 9.02
C ARG A 324 -17.07 10.17 7.52
N VAL A 325 -18.24 10.52 7.00
CA VAL A 325 -18.55 10.37 5.58
C VAL A 325 -18.77 11.76 5.00
N SER A 326 -18.00 12.08 3.95
CA SER A 326 -18.06 13.40 3.37
C SER A 326 -19.31 13.57 2.50
N ALA A 327 -19.61 14.83 2.18
CA ALA A 327 -20.81 15.11 1.38
C ALA A 327 -20.69 14.54 -0.02
N GLU A 328 -19.51 14.62 -0.63
CA GLU A 328 -19.32 14.04 -1.95
C GLU A 328 -19.47 12.53 -1.93
N ASP A 329 -19.00 11.89 -0.85
CA ASP A 329 -19.19 10.44 -0.71
C ASP A 329 -20.66 10.09 -0.56
N TYR A 330 -21.40 10.86 0.24
CA TYR A 330 -22.85 10.63 0.36
C TYR A 330 -23.55 10.73 -0.98
N ALA A 331 -23.06 11.60 -1.87
CA ALA A 331 -23.74 11.82 -3.15
C ALA A 331 -23.64 10.61 -4.08
N LYS A 332 -22.73 9.67 -3.81
CA LYS A 332 -22.64 8.47 -4.64
C LYS A 332 -23.79 7.51 -4.41
N VAL A 333 -24.63 7.76 -3.42
CA VAL A 333 -25.77 6.90 -3.09
C VAL A 333 -27.02 7.77 -3.19
N THR A 334 -27.85 7.49 -4.19
CA THR A 334 -29.11 8.20 -4.34
C THR A 334 -30.06 7.81 -3.20
N ALA A 335 -30.52 8.79 -2.45
CA ALA A 335 -31.33 8.54 -1.26
C ALA A 335 -32.52 9.48 -1.22
N GLU A 336 -33.67 8.95 -0.81
CA GLU A 336 -34.88 9.73 -0.63
C GLU A 336 -34.91 10.48 0.70
N ARG A 337 -33.95 10.21 1.59
CA ARG A 337 -33.85 10.87 2.89
C ARG A 337 -32.37 10.92 3.28
N PRO A 338 -31.98 11.88 4.11
CA PRO A 338 -30.58 11.94 4.54
C PRO A 338 -30.14 10.66 5.24
N LEU A 339 -28.93 10.21 4.92
CA LEU A 339 -28.42 8.93 5.39
C LEU A 339 -27.49 9.10 6.57
N THR A 340 -27.50 8.12 7.46
CA THR A 340 -26.49 7.95 8.49
C THR A 340 -25.33 7.13 7.92
N PRO A 341 -24.14 7.21 8.54
CA PRO A 341 -22.98 6.50 7.97
C PRO A 341 -23.22 5.01 7.74
N GLY A 342 -23.79 4.31 8.72
CA GLY A 342 -24.00 2.88 8.57
C GLY A 342 -24.98 2.54 7.48
N ARG A 343 -26.07 3.30 7.37
CA ARG A 343 -27.02 3.11 6.28
C ARG A 343 -26.39 3.43 4.93
N TYR A 344 -25.50 4.42 4.89
CA TYR A 344 -24.84 4.78 3.63
C TYR A 344 -23.99 3.62 3.11
N TYR A 345 -23.23 2.97 4.00
CA TYR A 345 -22.38 1.86 3.56
C TYR A 345 -23.21 0.64 3.19
N ASP A 346 -24.35 0.44 3.85
CA ASP A 346 -25.21 -0.69 3.49
C ASP A 346 -25.77 -0.50 2.08
N ARG A 347 -26.16 0.72 1.73
CA ARG A 347 -26.65 0.99 0.38
C ARG A 347 -25.52 1.00 -0.64
N LEU A 348 -24.32 1.41 -0.22
CA LEU A 348 -23.19 1.44 -1.14
C LEU A 348 -22.78 0.04 -1.58
N SER A 349 -22.84 -0.93 -0.67
CA SER A 349 -22.49 -2.31 -0.98
C SER A 349 -23.69 -3.12 -1.46
N GLY A 350 -24.78 -2.47 -1.83
CA GLY A 350 -25.98 -3.19 -2.24
C GLY A 350 -26.52 -4.10 -1.16
N HIS A 351 -26.56 -3.61 0.08
CA HIS A 351 -27.03 -4.39 1.23
C HIS A 351 -26.15 -5.63 1.43
N GLY A 352 -24.86 -5.49 1.13
CA GLY A 352 -23.89 -6.54 1.37
C GLY A 352 -23.68 -7.51 0.23
N THR A 353 -24.30 -7.28 -0.94
CA THR A 353 -24.19 -8.21 -2.05
C THR A 353 -23.03 -7.91 -3.00
N ARG A 354 -22.31 -6.80 -2.80
CA ARG A 354 -21.15 -6.49 -3.63
C ARG A 354 -20.11 -5.78 -2.78
N LEU A 355 -19.04 -5.30 -3.43
CA LEU A 355 -17.85 -4.80 -2.78
C LEU A 355 -17.14 -5.90 -1.99
N PHE A 356 -16.48 -5.55 -0.88
CA PHE A 356 -15.54 -6.47 -0.28
C PHE A 356 -16.19 -7.55 0.58
N ALA A 357 -17.44 -7.38 1.00
CA ALA A 357 -18.08 -8.28 1.95
C ALA A 357 -18.27 -9.72 1.44
N PRO A 358 -18.72 -9.93 0.20
CA PRO A 358 -19.05 -11.31 -0.22
C PRO A 358 -17.86 -12.23 -0.44
N HIS A 359 -16.63 -11.72 -0.50
CA HIS A 359 -15.49 -12.51 -0.93
C HIS A 359 -14.54 -12.74 0.24
N ARG A 360 -14.05 -13.98 0.39
CA ARG A 360 -13.21 -14.32 1.52
C ARG A 360 -11.82 -13.73 1.41
N ARG A 361 -11.34 -13.45 0.20
CA ARG A 361 -9.97 -12.99 0.03
C ARG A 361 -9.71 -11.65 0.72
N TYR A 362 -10.74 -10.86 0.96
CA TYR A 362 -10.60 -9.56 1.60
C TYR A 362 -10.59 -9.65 3.12
N TRP A 363 -10.70 -10.85 3.70
CA TRP A 363 -10.73 -11.01 5.14
C TRP A 363 -9.72 -12.02 5.65
N GLN A 364 -8.79 -12.46 4.81
CA GLN A 364 -7.64 -13.24 5.25
C GLN A 364 -6.40 -12.38 5.14
N SER A 365 -5.50 -12.52 6.11
CA SER A 365 -4.29 -11.71 6.16
C SER A 365 -3.11 -12.59 6.55
N LEU A 366 -1.94 -11.97 6.61
CA LEU A 366 -0.71 -12.69 6.90
C LEU A 366 0.24 -11.75 7.63
N VAL A 367 0.80 -12.22 8.74
CA VAL A 367 1.81 -11.47 9.47
C VAL A 367 3.12 -12.25 9.41
N PRO A 368 4.05 -11.87 8.54
CA PRO A 368 5.38 -12.49 8.58
C PRO A 368 6.20 -11.94 9.73
N VAL A 369 7.01 -12.80 10.34
CA VAL A 369 7.98 -12.39 11.35
C VAL A 369 9.34 -12.85 10.86
N LEU A 370 10.17 -11.90 10.45
CA LEU A 370 11.49 -12.18 9.89
C LEU A 370 12.54 -12.07 10.99
N THR A 371 13.53 -12.97 10.94
CA THR A 371 14.67 -12.95 11.84
C THR A 371 15.94 -12.73 11.02
N PHE A 372 16.69 -11.70 11.38
CA PHE A 372 17.95 -11.36 10.73
C PHE A 372 19.09 -11.52 11.71
N GLU A 373 20.23 -12.04 11.22
CA GLU A 373 21.46 -12.12 11.99
C GLU A 373 22.56 -11.48 11.18
N ASP A 374 22.99 -10.28 11.60
CA ASP A 374 23.99 -9.49 10.88
C ASP A 374 23.58 -9.28 9.43
N GLY A 375 22.32 -8.88 9.25
CA GLY A 375 21.79 -8.58 7.93
C GLY A 375 21.37 -9.78 7.11
N THR A 376 21.69 -11.00 7.53
CA THR A 376 21.33 -12.20 6.79
C THR A 376 20.00 -12.73 7.30
N LEU A 377 19.10 -13.04 6.36
CA LEU A 377 17.82 -13.63 6.73
C LEU A 377 18.02 -15.09 7.15
N THR A 378 17.73 -15.39 8.41
CA THR A 378 17.86 -16.76 8.91
C THR A 378 16.52 -17.43 9.16
N ALA A 379 15.42 -16.68 9.19
CA ALA A 379 14.10 -17.27 9.37
C ALA A 379 13.04 -16.30 8.88
N ALA A 380 11.92 -16.85 8.39
CA ALA A 380 10.80 -16.05 7.90
C ALA A 380 9.51 -16.82 8.21
N ARG A 381 9.01 -16.64 9.43
CA ARG A 381 7.79 -17.31 9.85
C ARG A 381 6.56 -16.62 9.27
N LEU A 382 5.54 -17.42 8.98
CA LEU A 382 4.30 -16.93 8.40
C LEU A 382 3.16 -17.22 9.37
N HIS A 383 2.42 -16.18 9.75
CA HIS A 383 1.32 -16.30 10.70
C HIS A 383 0.02 -15.84 10.04
N PRO A 384 -0.81 -16.76 9.56
CA PRO A 384 -2.07 -16.36 8.91
C PRO A 384 -3.00 -15.68 9.89
N VAL A 385 -3.70 -14.66 9.42
CA VAL A 385 -4.57 -13.83 10.24
C VAL A 385 -5.98 -13.89 9.67
N ASP A 386 -6.97 -14.07 10.56
CA ASP A 386 -8.38 -14.07 10.20
C ASP A 386 -9.02 -12.74 10.57
N LEU A 387 -9.78 -12.16 9.64
CA LEU A 387 -10.46 -10.90 9.84
C LEU A 387 -11.97 -11.05 9.95
N GLY A 388 -12.47 -12.27 10.08
CA GLY A 388 -13.88 -12.50 10.38
C GLY A 388 -14.83 -12.42 9.21
N PHE A 389 -14.56 -13.19 8.16
CA PHE A 389 -15.49 -13.25 7.03
C PHE A 389 -16.84 -13.77 7.48
N GLY A 390 -17.90 -13.12 6.98
CA GLY A 390 -19.26 -13.55 7.27
C GLY A 390 -19.82 -13.08 8.59
N ARG A 391 -19.01 -12.45 9.43
CA ARG A 391 -19.49 -11.93 10.70
C ARG A 391 -20.18 -10.58 10.49
N PRO A 392 -20.96 -10.11 11.47
CA PRO A 392 -21.62 -8.82 11.33
C PRO A 392 -20.61 -7.70 11.06
N VAL A 393 -21.12 -6.62 10.46
CA VAL A 393 -20.25 -5.54 10.00
C VAL A 393 -19.50 -4.91 11.16
N HIS A 394 -20.10 -4.87 12.35
CA HIS A 394 -19.45 -4.25 13.50
C HIS A 394 -18.40 -5.15 14.15
N ARG A 395 -18.35 -6.43 13.79
CA ARG A 395 -17.35 -7.33 14.34
C ARG A 395 -16.27 -7.75 13.35
N ARG A 396 -16.56 -7.78 12.05
CA ARG A 396 -15.55 -8.18 11.09
C ARG A 396 -14.57 -7.05 10.83
N GLY A 397 -13.33 -7.41 10.50
CA GLY A 397 -12.27 -6.47 10.30
C GLY A 397 -11.27 -6.39 11.44
N ARG A 398 -11.58 -6.97 12.60
CA ARG A 398 -10.59 -7.02 13.67
C ARG A 398 -9.73 -8.28 13.55
N PRO A 399 -8.42 -8.16 13.70
CA PRO A 399 -7.54 -9.30 13.43
C PRO A 399 -7.37 -10.23 14.62
N ARG A 400 -7.23 -11.51 14.30
CA ARG A 400 -6.82 -12.52 15.29
C ARG A 400 -6.05 -13.60 14.55
N LEU A 401 -5.15 -14.27 15.27
CA LEU A 401 -4.46 -15.41 14.70
C LEU A 401 -5.49 -16.46 14.26
N ALA A 402 -5.38 -16.88 13.01
CA ALA A 402 -6.34 -17.83 12.47
C ALA A 402 -6.19 -19.19 13.14
N ASP A 403 -7.32 -19.87 13.31
N ASP A 403 -7.32 -19.87 13.31
CA ASP A 403 -7.29 -21.23 13.85
CA ASP A 403 -7.30 -21.23 13.84
C ASP A 403 -6.63 -22.17 12.84
C ASP A 403 -6.61 -22.16 12.84
N ARG A 404 -6.35 -23.39 13.30
CA ARG A 404 -5.57 -24.35 12.51
C ARG A 404 -6.14 -24.54 11.10
N ALA A 405 -7.45 -24.79 11.01
CA ALA A 405 -8.07 -25.08 9.72
C ALA A 405 -7.97 -23.89 8.77
N GLU A 406 -8.28 -22.69 9.27
CA GLU A 406 -8.25 -21.50 8.42
C GLU A 406 -6.81 -21.09 8.09
N ALA A 407 -5.88 -21.27 9.03
CA ALA A 407 -4.49 -20.89 8.77
C ALA A 407 -3.90 -21.76 7.66
N GLU A 408 -4.27 -23.04 7.62
CA GLU A 408 -3.78 -23.93 6.58
C GLU A 408 -4.30 -23.51 5.21
N LYS A 409 -5.56 -23.09 5.14
CA LYS A 409 -6.09 -22.59 3.87
C LYS A 409 -5.36 -21.34 3.43
N THR A 410 -5.10 -20.41 4.36
CA THR A 410 -4.37 -19.21 4.01
C THR A 410 -2.94 -19.54 3.58
N LEU A 411 -2.28 -20.44 4.31
CA LEU A 411 -0.93 -20.84 3.95
C LEU A 411 -0.89 -21.53 2.59
N THR A 412 -1.95 -22.26 2.23
CA THR A 412 -2.03 -22.84 0.90
C THR A 412 -2.16 -21.75 -0.16
N ASP A 413 -2.99 -20.74 0.09
CA ASP A 413 -3.15 -19.63 -0.84
C ASP A 413 -1.81 -18.93 -1.09
N VAL A 414 -1.11 -18.59 0.00
CA VAL A 414 0.18 -17.90 -0.13
C VAL A 414 1.17 -18.76 -0.90
N ALA A 415 1.21 -20.06 -0.60
CA ALA A 415 2.11 -20.96 -1.32
C ALA A 415 1.78 -20.99 -2.81
N GLN A 416 0.49 -21.01 -3.15
CA GLN A 416 0.10 -21.02 -4.55
C GLN A 416 0.43 -19.70 -5.24
N LEU A 417 0.17 -18.57 -4.56
CA LEU A 417 0.49 -17.27 -5.14
C LEU A 417 1.99 -17.06 -5.28
N SER A 418 2.78 -17.74 -4.45
CA SER A 418 4.23 -17.62 -4.47
C SER A 418 4.91 -18.62 -5.39
N GLN A 419 4.18 -19.63 -5.86
CA GLN A 419 4.79 -20.67 -6.69
C GLN A 419 5.43 -20.14 -7.96
N PRO A 420 4.87 -19.17 -8.70
CA PRO A 420 5.55 -18.67 -9.90
C PRO A 420 6.94 -18.12 -9.63
N TYR A 421 7.23 -17.73 -8.38
CA TYR A 421 8.53 -17.19 -8.03
C TYR A 421 9.49 -18.24 -7.47
N GLY A 422 9.07 -19.50 -7.43
CA GLY A 422 9.93 -20.55 -6.91
C GLY A 422 10.04 -20.59 -5.40
N THR A 423 9.04 -20.09 -4.68
CA THR A 423 9.07 -20.05 -3.23
C THR A 423 8.41 -21.30 -2.66
N ALA A 424 9.06 -21.90 -1.66
CA ALA A 424 8.54 -23.07 -0.97
C ALA A 424 8.30 -22.73 0.49
N ILE A 425 7.35 -23.44 1.11
CA ILE A 425 6.92 -23.15 2.46
C ILE A 425 6.90 -24.45 3.26
N GLU A 426 7.46 -24.40 4.48
CA GLU A 426 7.28 -25.47 5.45
C GLU A 426 6.05 -25.15 6.30
N VAL A 427 5.32 -26.18 6.68
CA VAL A 427 4.04 -26.01 7.37
C VAL A 427 4.12 -26.68 8.74
N MET A 428 3.71 -25.94 9.77
CA MET A 428 3.65 -26.44 11.14
C MET A 428 2.28 -27.07 11.41
N ASP A 429 2.18 -27.74 12.56
CA ASP A 429 0.92 -28.40 12.93
C ASP A 429 -0.18 -27.41 13.28
N ASP A 430 0.16 -26.19 13.68
CA ASP A 430 -0.83 -25.20 14.10
C ASP A 430 -1.36 -24.37 12.95
N GLY A 431 -0.82 -24.54 11.74
CA GLY A 431 -1.23 -23.76 10.59
C GLY A 431 -0.27 -22.65 10.21
N THR A 432 0.70 -22.34 11.07
CA THR A 432 1.73 -21.39 10.69
C THR A 432 2.79 -22.10 9.85
N GLY A 433 3.67 -21.31 9.26
CA GLY A 433 4.70 -21.88 8.43
C GLY A 433 5.90 -20.96 8.34
N GLU A 434 6.83 -21.33 7.45
CA GLU A 434 8.01 -20.50 7.23
C GLU A 434 8.54 -20.77 5.83
N LEU A 435 9.18 -19.74 5.28
CA LEU A 435 9.75 -19.84 3.94
C LEU A 435 11.00 -20.71 3.95
N ALA A 436 11.18 -21.48 2.88
CA ALA A 436 12.39 -22.28 2.70
C ALA A 436 13.51 -21.37 2.23
N LEU A 437 14.56 -21.24 3.02
CA LEU A 437 15.66 -20.34 2.73
C LEU A 437 16.86 -21.10 2.19
N ASP A 438 17.67 -20.40 1.39
CA ASP A 438 18.89 -20.96 0.83
C ASP A 438 20.09 -20.81 1.75
N VAL A 439 20.05 -19.86 2.68
CA VAL A 439 21.15 -19.65 3.61
C VAL A 439 21.34 -20.87 4.53
C1 GOL B . -5.00 -17.91 -5.90
O1 GOL B . -4.00 -18.82 -6.27
C2 GOL B . -5.33 -18.17 -4.42
O2 GOL B . -5.64 -19.49 -4.18
C3 GOL B . -6.53 -17.23 -4.12
O3 GOL B . -6.19 -16.52 -2.97
C1 GOL C . -7.98 -22.25 0.47
O1 GOL C . -6.59 -22.31 0.41
C2 GOL C . -8.48 -21.88 -0.94
O2 GOL C . -8.31 -20.52 -1.20
C3 GOL C . -7.63 -22.76 -1.89
O3 GOL C . -6.50 -22.02 -2.23
C1 GOL D . -14.61 0.06 -4.22
O1 GOL D . -13.36 0.11 -3.59
C2 GOL D . -15.12 1.50 -4.33
O2 GOL D . -14.73 2.11 -5.52
C3 GOL D . -16.64 1.38 -4.19
O3 GOL D . -17.21 2.53 -4.71
CA CA E . -5.21 1.58 -0.70
#